data_2DWX
#
_entry.id   2DWX
#
_cell.length_a   48.220
_cell.length_b   69.620
_cell.length_c   184.967
_cell.angle_alpha   90.00
_cell.angle_beta   90.00
_cell.angle_gamma   90.00
#
_symmetry.space_group_name_H-M   'P 21 21 21'
#
loop_
_entity.id
_entity.type
_entity.pdbx_description
1 polymer 'ADP-ribosylation factor-binding protein GGA1'
2 polymer 'hinge peptide from ADP-ribosylation factor binding protein GGA1'
3 water water
#
loop_
_entity_poly.entity_id
_entity_poly.type
_entity_poly.pdbx_seq_one_letter_code
_entity_poly.pdbx_strand_id
1 'polypeptide(L)'
;IKPSNILPVTVYDQHGFRILFHFARDPLPGRSDVLVVVVSMLSTAPQPIRNIVFQSAVPKVMKVKLQPPSGTELPAFNPI
VHPSAITQVLLLANPQKEKVRLRYKLTFTMGDQTYNEMGDVDQFPPPETWGSL
;
A,B,C,D
2 'polypeptide(L)' SLDGTGWNSFQSS P,Q
#
# COMPACT_ATOMS: atom_id res chain seq x y z
N ASN A 5 9.58 19.65 -8.25
CA ASN A 5 9.27 18.16 -8.30
C ASN A 5 9.71 17.38 -7.03
N ILE A 6 9.91 18.12 -5.93
CA ILE A 6 10.16 17.69 -4.53
C ILE A 6 9.64 16.36 -3.97
N LEU A 7 8.51 15.92 -4.50
CA LEU A 7 7.87 14.72 -4.02
C LEU A 7 8.52 13.52 -4.69
N PRO A 8 8.34 12.36 -4.08
CA PRO A 8 8.93 11.14 -4.59
C PRO A 8 8.30 10.70 -5.91
N VAL A 9 9.17 10.51 -6.91
CA VAL A 9 8.83 10.10 -8.26
C VAL A 9 8.89 8.56 -8.46
N THR A 10 7.79 7.95 -8.88
CA THR A 10 7.77 6.55 -9.30
C THR A 10 8.42 6.35 -10.65
N VAL A 11 9.60 5.74 -10.64
CA VAL A 11 10.35 5.50 -11.84
C VAL A 11 9.93 4.19 -12.50
N TYR A 12 9.49 3.22 -11.70
CA TYR A 12 9.16 1.89 -12.23
C TYR A 12 8.04 1.18 -11.49
N ASP A 13 7.03 0.74 -12.22
CA ASP A 13 5.94 0.02 -11.60
C ASP A 13 5.29 -1.04 -12.46
N GLN A 14 5.88 -2.23 -12.44
CA GLN A 14 5.30 -3.41 -13.08
C GLN A 14 5.66 -4.72 -12.41
N HIS A 15 4.82 -5.74 -12.61
CA HIS A 15 5.00 -7.03 -11.98
C HIS A 15 5.04 -6.88 -10.46
N GLY A 16 4.43 -5.81 -9.96
CA GLY A 16 4.56 -5.45 -8.56
C GLY A 16 5.95 -5.09 -8.06
N PHE A 17 6.82 -4.57 -8.92
CA PHE A 17 8.16 -4.15 -8.52
C PHE A 17 8.11 -2.65 -8.68
N ARG A 18 8.27 -1.91 -7.59
CA ARG A 18 8.25 -0.44 -7.68
C ARG A 18 9.58 0.14 -7.35
N ILE A 19 9.99 1.11 -8.13
CA ILE A 19 11.19 1.85 -7.84
C ILE A 19 10.87 3.33 -7.81
N LEU A 20 11.15 3.99 -6.67
CA LEU A 20 10.97 5.41 -6.54
C LEU A 20 12.32 6.13 -6.39
N PHE A 21 12.34 7.38 -6.84
CA PHE A 21 13.44 8.30 -6.64
C PHE A 21 13.04 9.30 -5.54
N HIS A 22 13.94 9.50 -4.58
CA HIS A 22 13.76 10.52 -3.52
C HIS A 22 14.83 11.58 -3.68
N PHE A 23 14.44 12.84 -3.47
CA PHE A 23 15.35 13.95 -3.81
C PHE A 23 15.99 14.67 -2.59
N ALA A 24 17.26 15.05 -2.76
CA ALA A 24 18.03 15.79 -1.74
C ALA A 24 19.24 16.57 -2.38
N ARG A 25 20.17 17.12 -1.59
CA ARG A 25 21.40 17.71 -2.15
C ARG A 25 22.57 17.95 -1.18
N ASP A 26 23.81 17.92 -1.69
CA ASP A 26 25.01 18.04 -0.84
C ASP A 26 26.27 18.33 -1.66
N PRO A 27 27.46 18.41 -1.06
CA PRO A 27 27.73 18.39 0.38
C PRO A 27 28.21 19.73 0.96
N LEU A 28 29.02 20.51 0.23
CA LEU A 28 29.16 21.91 0.57
C LEU A 28 27.72 22.43 0.70
N PRO A 29 27.41 23.01 1.85
CA PRO A 29 26.17 23.79 1.99
C PRO A 29 26.09 24.84 0.86
N GLY A 30 27.18 25.60 0.69
CA GLY A 30 27.28 26.62 -0.34
C GLY A 30 26.81 26.30 -1.75
N ARG A 31 26.99 25.05 -2.20
CA ARG A 31 26.79 24.69 -3.61
C ARG A 31 25.38 24.23 -3.96
N SER A 32 25.07 24.26 -5.27
CA SER A 32 23.75 23.91 -5.81
C SER A 32 23.84 23.16 -7.16
N ASP A 33 24.88 22.33 -7.28
CA ASP A 33 25.24 21.64 -8.53
C ASP A 33 25.01 20.12 -8.54
N VAL A 34 25.17 19.46 -7.38
CA VAL A 34 24.98 18.01 -7.23
C VAL A 34 23.66 17.69 -6.55
N LEU A 35 22.87 16.85 -7.21
CA LEU A 35 21.64 16.30 -6.63
C LEU A 35 21.89 14.88 -6.08
N VAL A 36 21.54 14.71 -4.81
CA VAL A 36 21.48 13.41 -4.18
C VAL A 36 20.10 12.77 -4.47
N VAL A 37 20.17 11.52 -4.91
CA VAL A 37 19.00 10.72 -5.23
C VAL A 37 19.14 9.38 -4.50
N VAL A 38 18.23 9.13 -3.57
CA VAL A 38 18.08 7.82 -2.93
C VAL A 38 16.98 7.11 -3.70
N VAL A 39 17.31 5.98 -4.31
CA VAL A 39 16.33 5.20 -5.07
C VAL A 39 15.90 4.01 -4.19
N SER A 40 14.61 3.94 -3.85
CA SER A 40 14.11 2.89 -2.98
C SER A 40 13.35 1.91 -3.81
N MET A 41 13.30 0.64 -3.42
CA MET A 41 12.61 -0.39 -4.19
C MET A 41 11.84 -1.32 -3.26
N LEU A 42 10.58 -1.58 -3.60
CA LEU A 42 9.74 -2.55 -2.89
C LEU A 42 9.10 -3.52 -3.87
N SER A 43 8.77 -4.69 -3.36
CA SER A 43 8.08 -5.70 -4.15
C SER A 43 6.81 -6.17 -3.45
N THR A 44 5.80 -6.41 -4.26
CA THR A 44 4.55 -6.96 -3.81
C THR A 44 4.37 -8.31 -4.52
N ALA A 45 5.41 -8.79 -5.21
CA ALA A 45 5.23 -9.95 -6.07
C ALA A 45 5.14 -11.22 -5.21
N PRO A 46 4.44 -12.24 -5.72
CA PRO A 46 4.36 -13.54 -5.04
C PRO A 46 5.64 -14.37 -5.14
N GLN A 47 6.40 -14.19 -6.22
CA GLN A 47 7.67 -14.91 -6.38
C GLN A 47 8.77 -13.90 -6.15
N PRO A 48 9.91 -14.33 -5.60
CA PRO A 48 10.96 -13.37 -5.26
C PRO A 48 11.62 -12.87 -6.51
N ILE A 49 12.25 -11.72 -6.37
CA ILE A 49 12.92 -11.00 -7.45
C ILE A 49 14.35 -11.01 -7.04
N ARG A 50 15.23 -11.44 -7.95
CA ARG A 50 16.65 -11.45 -7.68
C ARG A 50 17.47 -10.92 -8.87
N ASN A 51 18.76 -10.68 -8.64
CA ASN A 51 19.65 -10.17 -9.67
C ASN A 51 19.26 -8.80 -10.19
N ILE A 52 18.98 -7.88 -9.29
CA ILE A 52 18.59 -6.53 -9.67
C ILE A 52 19.83 -5.74 -10.05
N VAL A 53 19.83 -5.19 -11.25
CA VAL A 53 20.81 -4.19 -11.67
C VAL A 53 20.09 -2.98 -12.19
N PHE A 54 20.36 -1.85 -11.56
CA PHE A 54 19.84 -0.60 -11.99
C PHE A 54 20.99 0.21 -12.51
N GLN A 55 20.94 0.57 -13.78
CA GLN A 55 21.87 1.50 -14.37
C GLN A 55 21.18 2.81 -14.70
N SER A 56 21.96 3.85 -14.91
CA SER A 56 21.44 5.13 -15.28
C SER A 56 22.34 5.88 -16.29
N ALA A 57 21.71 6.73 -17.12
CA ALA A 57 22.49 7.60 -18.01
C ALA A 57 21.95 9.02 -18.05
N VAL A 58 22.85 9.98 -18.34
CA VAL A 58 22.48 11.40 -18.50
C VAL A 58 23.16 12.06 -19.74
N PRO A 59 22.64 13.22 -20.17
CA PRO A 59 23.22 14.00 -21.24
C PRO A 59 24.62 14.47 -20.93
N LYS A 60 25.39 14.80 -21.97
CA LYS A 60 26.83 15.04 -21.85
C LYS A 60 27.24 16.19 -20.90
N VAL A 61 26.34 17.12 -20.67
CA VAL A 61 26.61 18.25 -19.76
C VAL A 61 26.57 17.87 -18.27
N MET A 62 25.88 16.75 -17.98
CA MET A 62 25.69 16.22 -16.63
C MET A 62 26.54 15.01 -16.43
N LYS A 63 26.56 14.52 -15.20
CA LYS A 63 27.29 13.30 -14.87
C LYS A 63 26.54 12.51 -13.77
N VAL A 64 26.45 11.20 -13.94
CA VAL A 64 25.71 10.36 -12.98
C VAL A 64 26.66 9.32 -12.37
N LYS A 65 26.41 9.00 -11.12
CA LYS A 65 27.26 8.09 -10.39
C LYS A 65 26.40 7.21 -9.47
N LEU A 66 26.57 5.90 -9.57
CA LEU A 66 25.73 4.94 -8.86
C LEU A 66 26.58 4.26 -7.81
N GLN A 67 26.21 4.47 -6.55
CA GLN A 67 26.76 3.72 -5.44
C GLN A 67 26.11 2.34 -5.32
N PRO A 68 26.82 1.42 -4.68
CA PRO A 68 26.30 0.08 -4.53
C PRO A 68 24.99 0.02 -3.74
N PRO A 69 24.12 -0.84 -4.21
CA PRO A 69 22.84 -1.02 -3.56
C PRO A 69 22.95 -1.82 -2.26
N SER A 70 22.05 -1.51 -1.34
CA SER A 70 21.90 -2.24 -0.09
C SER A 70 21.64 -3.71 -0.38
N GLY A 71 21.18 -4.01 -1.57
CA GLY A 71 21.00 -5.40 -1.92
C GLY A 71 20.62 -5.57 -3.37
N THR A 72 20.40 -6.82 -3.69
CA THR A 72 20.35 -7.36 -5.02
C THR A 72 19.10 -8.19 -5.21
N GLU A 73 18.35 -8.43 -4.10
CA GLU A 73 17.10 -9.21 -4.16
C GLU A 73 16.02 -8.81 -3.14
N LEU A 74 14.82 -9.27 -3.44
CA LEU A 74 13.68 -9.07 -2.59
C LEU A 74 12.92 -10.41 -2.52
N PRO A 75 12.47 -10.77 -1.33
CA PRO A 75 11.62 -11.96 -1.15
C PRO A 75 10.26 -11.88 -1.74
N ALA A 76 9.65 -13.04 -1.90
CA ALA A 76 8.21 -13.12 -2.12
C ALA A 76 7.54 -12.23 -1.11
N PHE A 77 6.47 -11.57 -1.49
CA PHE A 77 5.78 -10.68 -0.60
C PHE A 77 5.10 -11.53 0.46
N ASN A 78 5.28 -11.12 1.72
CA ASN A 78 4.57 -11.69 2.85
C ASN A 78 3.93 -10.52 3.60
N PRO A 79 2.65 -10.23 3.33
CA PRO A 79 2.01 -8.99 3.80
C PRO A 79 1.95 -8.90 5.31
N ILE A 80 2.15 -10.03 5.99
CA ILE A 80 2.11 -10.04 7.46
C ILE A 80 3.26 -9.30 8.06
N VAL A 81 4.43 -9.43 7.46
CA VAL A 81 5.62 -8.82 8.05
C VAL A 81 5.95 -7.50 7.40
N HIS A 82 6.88 -6.81 8.01
CA HIS A 82 7.49 -5.62 7.44
C HIS A 82 8.06 -6.00 6.08
N PRO A 83 7.81 -5.21 5.06
CA PRO A 83 8.44 -5.42 3.76
C PRO A 83 9.93 -5.16 3.73
N SER A 84 10.62 -5.95 2.92
CA SER A 84 12.02 -5.68 2.61
C SER A 84 12.11 -4.58 1.55
N ALA A 85 13.22 -3.83 1.63
CA ALA A 85 13.46 -2.66 0.78
C ALA A 85 14.93 -2.53 0.36
N ILE A 86 15.14 -2.37 -0.94
CA ILE A 86 16.47 -2.09 -1.45
C ILE A 86 16.58 -0.60 -1.52
N THR A 87 17.76 -0.11 -1.28
CA THR A 87 17.99 1.31 -1.25
C THR A 87 19.38 1.58 -1.87
N GLN A 88 19.45 2.61 -2.69
CA GLN A 88 20.66 2.86 -3.46
C GLN A 88 20.85 4.32 -3.62
N VAL A 89 22.08 4.79 -3.54
CA VAL A 89 22.28 6.22 -3.71
C VAL A 89 22.90 6.51 -5.05
N LEU A 90 22.48 7.63 -5.60
CA LEU A 90 23.03 8.07 -6.85
C LEU A 90 23.14 9.56 -6.92
N LEU A 91 24.24 10.00 -7.53
CA LEU A 91 24.63 11.38 -7.46
C LEU A 91 24.68 11.96 -8.86
N LEU A 92 24.04 13.10 -9.02
CA LEU A 92 23.83 13.67 -10.35
C LEU A 92 24.45 15.06 -10.47
N ALA A 93 25.70 15.12 -10.92
CA ALA A 93 26.41 16.38 -11.19
C ALA A 93 25.89 17.11 -12.44
N ASN A 94 25.41 18.33 -12.24
CA ASN A 94 24.88 19.17 -13.31
C ASN A 94 25.19 20.69 -13.13
N PRO A 95 26.47 21.03 -13.03
CA PRO A 95 26.88 22.40 -12.67
C PRO A 95 26.45 23.47 -13.67
N GLN A 96 26.13 23.06 -14.91
CA GLN A 96 25.69 23.98 -15.94
C GLN A 96 24.23 24.35 -15.80
N LYS A 97 23.54 23.73 -14.84
CA LYS A 97 22.13 24.06 -14.60
C LYS A 97 21.30 23.86 -15.87
N GLU A 98 21.64 22.80 -16.62
CA GLU A 98 20.86 22.45 -17.82
C GLU A 98 19.70 21.52 -17.44
N LYS A 99 18.71 21.44 -18.33
CA LYS A 99 17.52 20.60 -18.15
C LYS A 99 17.90 19.17 -17.75
N VAL A 100 17.08 18.54 -16.90
CA VAL A 100 17.41 17.23 -16.34
C VAL A 100 16.61 16.10 -16.96
N ARG A 101 17.34 15.19 -17.61
CA ARG A 101 16.80 13.98 -18.22
C ARG A 101 17.71 12.79 -17.88
N LEU A 102 17.09 11.69 -17.43
CA LEU A 102 17.80 10.47 -17.04
C LEU A 102 17.19 9.23 -17.67
N ARG A 103 18.03 8.30 -18.07
CA ARG A 103 17.58 7.13 -18.77
C ARG A 103 18.13 5.91 -18.02
N TYR A 104 17.23 5.09 -17.49
CA TYR A 104 17.63 3.89 -16.71
C TYR A 104 17.56 2.59 -17.49
N LYS A 105 18.30 1.61 -17.01
CA LYS A 105 18.25 0.28 -17.56
C LYS A 105 18.06 -0.66 -16.37
N LEU A 106 16.92 -1.33 -16.28
CA LEU A 106 16.61 -2.15 -15.11
C LEU A 106 16.68 -3.63 -15.47
N THR A 107 17.33 -4.43 -14.65
CA THR A 107 17.45 -5.85 -14.93
C THR A 107 17.14 -6.67 -13.70
N PHE A 108 16.24 -7.62 -13.85
CA PHE A 108 15.87 -8.48 -12.72
C PHE A 108 15.23 -9.82 -13.15
N THR A 109 15.28 -10.76 -12.25
CA THR A 109 14.81 -12.05 -12.55
C THR A 109 13.73 -12.38 -11.57
N MET A 110 12.67 -12.94 -12.12
CA MET A 110 11.52 -13.32 -11.32
C MET A 110 10.99 -14.65 -11.85
N GLY A 111 11.07 -15.69 -11.01
CA GLY A 111 10.71 -17.02 -11.47
C GLY A 111 11.71 -17.46 -12.54
N ASP A 112 11.22 -17.86 -13.71
CA ASP A 112 12.16 -18.29 -14.77
C ASP A 112 12.40 -17.28 -15.88
N GLN A 113 11.74 -16.11 -15.83
CA GLN A 113 11.92 -15.01 -16.81
C GLN A 113 12.89 -13.96 -16.32
N THR A 114 13.45 -13.21 -17.24
CA THR A 114 14.44 -12.17 -16.95
C THR A 114 14.07 -10.88 -17.68
N TYR A 115 13.67 -9.86 -16.93
CA TYR A 115 13.18 -8.62 -17.50
C TYR A 115 14.34 -7.66 -17.73
N ASN A 116 14.37 -7.11 -18.93
CA ASN A 116 15.40 -6.15 -19.33
C ASN A 116 14.64 -4.90 -19.65
N GLU A 117 14.60 -4.01 -18.70
CA GLU A 117 13.71 -2.88 -18.79
C GLU A 117 14.43 -1.59 -19.02
N MET A 118 13.81 -0.65 -19.74
CA MET A 118 14.37 0.72 -19.93
C MET A 118 13.29 1.76 -19.84
N GLY A 119 13.63 2.93 -19.29
CA GLY A 119 12.69 4.03 -19.15
C GLY A 119 13.33 5.41 -19.00
N ASP A 120 12.55 6.45 -19.23
CA ASP A 120 13.03 7.82 -19.06
C ASP A 120 12.45 8.48 -17.81
N VAL A 121 13.31 9.16 -17.04
CA VAL A 121 12.88 10.00 -15.94
C VAL A 121 13.16 11.48 -16.33
N ASP A 122 12.15 12.33 -16.19
CA ASP A 122 12.33 13.78 -16.43
C ASP A 122 11.83 14.67 -15.29
N GLN A 123 11.19 14.07 -14.28
CA GLN A 123 10.58 14.83 -13.21
C GLN A 123 11.55 15.12 -12.10
N PHE A 124 12.62 15.87 -12.38
CA PHE A 124 13.58 16.25 -11.36
C PHE A 124 13.27 17.63 -10.87
N PRO A 125 13.67 17.93 -9.63
CA PRO A 125 13.55 19.30 -9.10
C PRO A 125 14.48 20.20 -9.85
N PRO A 126 14.04 21.39 -10.25
CA PRO A 126 14.82 22.26 -11.12
C PRO A 126 16.18 22.60 -10.50
N PRO A 127 17.26 22.64 -11.29
CA PRO A 127 18.61 22.80 -10.73
C PRO A 127 18.77 24.02 -9.81
N GLU A 128 17.99 25.08 -10.03
CA GLU A 128 18.05 26.28 -9.20
C GLU A 128 17.95 25.96 -7.70
N THR A 129 16.91 25.18 -7.36
CA THR A 129 16.55 24.79 -5.99
C THR A 129 17.31 23.58 -5.45
N TRP A 130 18.49 23.28 -5.96
CA TRP A 130 19.24 22.14 -5.43
C TRP A 130 19.97 22.55 -4.18
N GLY A 131 20.26 23.84 -4.05
CA GLY A 131 20.87 24.36 -2.83
C GLY A 131 19.91 24.15 -1.66
N SER A 132 18.68 24.62 -1.84
CA SER A 132 17.61 24.38 -0.89
C SER A 132 17.34 22.87 -0.77
N LEU A 133 17.58 22.34 0.43
CA LEU A 133 17.44 20.92 0.72
C LEU A 133 15.98 20.56 1.03
N ILE B 6 31.93 0.17 0.48
CA ILE B 6 31.27 -0.50 -0.72
C ILE B 6 29.94 -1.18 -0.25
N LEU B 7 29.33 -1.69 0.78
CA LEU B 7 27.94 -2.04 0.56
C LEU B 7 27.43 -1.03 1.51
N PRO B 8 26.20 -0.60 1.35
CA PRO B 8 25.57 0.16 2.42
C PRO B 8 25.52 -0.67 3.73
N VAL B 9 25.69 0.01 4.85
CA VAL B 9 25.74 -0.59 6.18
C VAL B 9 24.50 -0.20 6.98
N THR B 10 23.72 -1.21 7.37
CA THR B 10 22.64 -1.05 8.34
C THR B 10 23.15 -0.60 9.70
N VAL B 11 22.91 0.65 10.01
CA VAL B 11 23.17 1.23 11.33
C VAL B 11 22.01 0.99 12.35
N TYR B 12 20.76 0.96 11.88
CA TYR B 12 19.62 0.76 12.76
C TYR B 12 18.45 0.04 12.05
N ASP B 13 17.93 -1.02 12.63
CA ASP B 13 16.74 -1.66 12.11
C ASP B 13 15.85 -2.18 13.24
N GLN B 14 15.10 -1.31 13.90
CA GLN B 14 14.16 -1.74 14.94
C GLN B 14 12.87 -0.97 14.77
N HIS B 15 11.77 -1.63 15.13
CA HIS B 15 10.43 -1.06 15.07
C HIS B 15 9.93 -0.71 13.64
N GLY B 16 10.64 -1.20 12.62
CA GLY B 16 10.30 -0.89 11.25
C GLY B 16 11.05 0.35 10.78
N PHE B 17 11.99 0.82 11.60
CA PHE B 17 12.76 2.03 11.32
C PHE B 17 14.19 1.66 10.94
N ARG B 18 14.55 1.85 9.67
CA ARG B 18 15.93 1.61 9.20
C ARG B 18 16.76 2.84 8.90
N ILE B 19 18.04 2.73 9.20
CA ILE B 19 18.98 3.83 8.97
C ILE B 19 20.23 3.15 8.48
N LEU B 20 20.52 3.28 7.18
CA LEU B 20 21.75 2.77 6.64
C LEU B 20 22.67 3.90 6.26
N PHE B 21 23.93 3.52 6.11
CA PHE B 21 24.99 4.42 5.73
C PHE B 21 25.40 4.06 4.30
N HIS B 22 25.49 5.07 3.45
CA HIS B 22 25.84 4.87 2.04
C HIS B 22 27.06 5.73 1.80
N PHE B 23 28.16 5.10 1.49
CA PHE B 23 29.41 5.81 1.33
C PHE B 23 29.59 6.20 -0.12
N ALA B 24 29.90 7.46 -0.34
CA ALA B 24 30.07 7.94 -1.68
C ALA B 24 31.40 8.65 -1.79
N ARG B 25 31.38 9.97 -2.04
CA ARG B 25 32.54 10.76 -2.46
C ARG B 25 32.08 11.89 -3.41
N ASP B 26 32.60 13.10 -3.24
CA ASP B 26 32.12 14.25 -4.01
C ASP B 26 32.45 14.07 -5.49
N PRO B 27 31.43 14.08 -6.34
CA PRO B 27 31.64 13.88 -7.79
C PRO B 27 32.59 14.89 -8.46
N LEU B 28 32.61 16.12 -7.95
CA LEU B 28 33.51 17.17 -8.44
C LEU B 28 34.84 17.08 -7.67
N PRO B 29 35.71 18.10 -7.68
CA PRO B 29 37.04 17.96 -7.05
C PRO B 29 37.04 18.18 -5.52
N GLY B 30 37.85 17.38 -4.81
CA GLY B 30 37.95 17.52 -3.37
C GLY B 30 39.24 16.97 -2.79
N ARG B 31 39.24 16.86 -1.47
CA ARG B 31 40.34 16.29 -0.70
C ARG B 31 40.38 14.79 -0.92
N SER B 32 41.58 14.26 -1.20
CA SER B 32 41.78 12.83 -1.41
C SER B 32 40.93 12.00 -0.44
N ASP B 33 40.90 12.43 0.82
CA ASP B 33 40.05 11.83 1.86
C ASP B 33 39.07 12.81 2.57
N VAL B 34 37.92 13.07 1.92
CA VAL B 34 36.75 13.72 2.56
C VAL B 34 35.45 12.95 2.31
N LEU B 35 35.39 11.73 2.84
CA LEU B 35 34.25 10.80 2.65
C LEU B 35 32.86 11.41 2.78
N VAL B 36 32.05 11.30 1.73
CA VAL B 36 30.62 11.65 1.78
C VAL B 36 29.83 10.47 2.33
N VAL B 37 29.05 10.71 3.38
CA VAL B 37 28.29 9.65 4.02
C VAL B 37 26.83 9.98 3.95
N VAL B 38 26.10 9.17 3.20
CA VAL B 38 24.68 9.38 3.08
C VAL B 38 23.96 8.46 4.03
N VAL B 39 23.38 9.05 5.06
CA VAL B 39 22.46 8.35 5.93
C VAL B 39 21.04 8.48 5.33
N SER B 40 20.46 7.30 5.11
CA SER B 40 19.12 7.12 4.57
C SER B 40 18.22 6.55 5.67
N MET B 41 17.08 7.17 5.93
CA MET B 41 16.15 6.69 6.94
C MET B 41 14.79 6.40 6.31
N LEU B 42 14.27 5.19 6.51
CA LEU B 42 12.94 4.85 6.03
C LEU B 42 12.18 4.12 7.12
N SER B 43 10.86 4.14 7.01
CA SER B 43 10.01 3.53 8.00
C SER B 43 8.95 2.70 7.33
N THR B 44 8.75 1.54 7.90
CA THR B 44 7.76 0.58 7.45
C THR B 44 6.68 0.42 8.53
N ALA B 45 6.76 1.30 9.54
CA ALA B 45 5.91 1.28 10.72
C ALA B 45 4.50 1.80 10.39
N PRO B 46 3.52 1.22 11.02
CA PRO B 46 2.15 1.67 10.86
C PRO B 46 1.86 2.94 11.64
N GLN B 47 2.84 3.47 12.36
CA GLN B 47 2.69 4.74 13.05
C GLN B 47 3.73 5.71 12.58
N PRO B 48 3.42 6.98 12.73
CA PRO B 48 4.38 8.00 12.34
C PRO B 48 5.58 7.89 13.25
N ILE B 49 6.64 8.59 12.85
CA ILE B 49 7.86 8.64 13.62
C ILE B 49 8.31 10.05 13.42
N ARG B 50 8.49 10.79 14.50
CA ARG B 50 8.93 12.19 14.43
C ARG B 50 9.99 12.52 15.46
N ASN B 51 10.36 13.79 15.53
CA ASN B 51 11.40 14.24 16.45
C ASN B 51 12.59 13.37 16.26
N ILE B 52 12.96 13.21 15.00
CA ILE B 52 14.12 12.43 14.64
C ILE B 52 15.32 13.33 14.64
N VAL B 53 16.21 13.11 15.61
CA VAL B 53 17.55 13.71 15.59
C VAL B 53 18.67 12.65 15.58
N PHE B 54 19.64 12.82 14.67
CA PHE B 54 20.74 11.87 14.51
C PHE B 54 22.06 12.55 14.75
N GLN B 55 22.93 11.89 15.56
CA GLN B 55 24.22 12.45 15.99
C GLN B 55 25.42 11.52 15.80
N SER B 56 26.61 12.14 15.90
CA SER B 56 27.95 11.61 15.54
C SER B 56 28.66 10.60 16.48
N ALA B 57 29.84 10.14 16.05
CA ALA B 57 30.69 9.13 16.72
C ALA B 57 31.84 8.73 15.81
N VAL B 58 33.08 8.92 16.25
CA VAL B 58 34.23 8.76 15.37
C VAL B 58 34.32 10.08 14.56
N VAL B 64 34.10 15.68 11.51
CA VAL B 64 32.77 15.08 11.42
C VAL B 64 31.73 16.15 11.08
N LYS B 65 32.08 17.00 10.11
CA LYS B 65 31.20 18.11 9.73
C LYS B 65 29.88 17.56 9.14
N LEU B 66 28.81 17.62 9.93
CA LEU B 66 27.52 16.98 9.61
C LEU B 66 26.45 18.00 9.20
N GLN B 67 25.63 17.66 8.19
CA GLN B 67 24.63 18.58 7.58
C GLN B 67 23.23 18.35 8.17
N PRO B 68 22.26 19.23 7.84
CA PRO B 68 20.89 19.09 8.35
C PRO B 68 20.06 18.15 7.49
N PRO B 69 19.13 17.41 8.11
CA PRO B 69 18.37 16.38 7.39
C PRO B 69 17.39 16.97 6.40
N SER B 70 16.70 16.13 5.62
CA SER B 70 15.66 16.60 4.71
C SER B 70 14.37 16.92 5.47
N GLY B 71 14.18 16.25 6.62
CA GLY B 71 13.01 16.43 7.47
C GLY B 71 13.16 15.75 8.84
N THR B 72 12.13 15.82 9.66
CA THR B 72 12.23 15.40 11.05
C THR B 72 11.22 14.32 11.43
N GLU B 73 10.50 13.84 10.42
CA GLU B 73 9.47 12.86 10.64
C GLU B 73 9.15 12.06 9.41
N LEU B 74 8.36 11.03 9.64
CA LEU B 74 8.00 10.07 8.64
C LEU B 74 6.58 9.59 8.95
N PRO B 75 5.77 9.46 7.90
CA PRO B 75 4.44 8.90 8.06
C PRO B 75 4.49 7.43 8.29
N ALA B 76 3.34 6.92 8.71
CA ALA B 76 3.09 5.52 8.82
C ALA B 76 3.15 4.97 7.42
N PHE B 77 3.50 3.70 7.29
CA PHE B 77 3.84 3.13 6.02
C PHE B 77 2.68 3.18 5.06
N ASN B 78 2.88 3.94 3.99
CA ASN B 78 1.97 3.96 2.86
C ASN B 78 2.77 4.29 1.58
N PRO B 79 3.32 3.25 0.96
CA PRO B 79 4.34 3.41 -0.09
C PRO B 79 3.85 4.10 -1.33
N ILE B 80 2.56 3.95 -1.62
CA ILE B 80 1.92 4.52 -2.77
C ILE B 80 1.48 5.95 -2.56
N VAL B 81 0.70 6.19 -1.52
CA VAL B 81 0.20 7.53 -1.23
C VAL B 81 1.26 8.44 -0.65
N HIS B 82 1.99 7.98 0.36
CA HIS B 82 2.99 8.82 1.03
C HIS B 82 4.39 8.18 1.15
N PRO B 83 4.99 7.86 0.02
CA PRO B 83 6.37 7.32 0.05
C PRO B 83 7.27 8.38 0.66
N SER B 84 8.20 7.96 1.51
CA SER B 84 8.99 8.91 2.31
C SER B 84 10.37 8.42 2.61
N ALA B 85 11.25 9.36 2.91
CA ALA B 85 12.65 9.08 3.18
C ALA B 85 13.33 10.33 3.73
N ILE B 86 14.10 10.15 4.81
CA ILE B 86 14.88 11.23 5.37
C ILE B 86 16.28 10.93 4.96
N THR B 87 16.96 11.98 4.51
CA THR B 87 18.33 11.91 4.02
C THR B 87 19.12 12.93 4.76
N GLN B 88 20.31 12.59 5.20
CA GLN B 88 21.17 13.57 5.85
C GLN B 88 22.63 13.25 5.56
N VAL B 89 23.41 14.26 5.15
CA VAL B 89 24.81 14.00 4.84
C VAL B 89 25.77 14.40 5.98
N LEU B 90 26.74 13.55 6.28
CA LEU B 90 27.89 13.92 7.11
C LEU B 90 29.22 13.63 6.42
N LEU B 91 30.07 14.65 6.35
CA LEU B 91 31.40 14.57 5.76
C LEU B 91 32.47 14.17 6.80
N LEU B 92 33.67 13.86 6.31
CA LEU B 92 34.82 13.43 7.14
C LEU B 92 36.15 14.03 6.65
N ALA B 93 37.16 14.06 7.53
CA ALA B 93 38.55 14.38 7.14
C ALA B 93 39.50 13.28 7.62
N ASN B 94 40.80 13.42 7.32
CA ASN B 94 41.87 12.43 7.65
C ASN B 94 41.53 11.32 8.67
N PRO B 95 41.02 10.17 8.21
CA PRO B 95 40.58 9.05 9.07
C PRO B 95 41.66 8.11 9.65
N GLN B 96 42.16 7.15 8.86
CA GLN B 96 43.12 6.14 9.32
C GLN B 96 42.55 5.35 10.50
N LYS B 97 41.30 4.92 10.35
CA LYS B 97 40.59 4.25 11.41
C LYS B 97 39.58 3.30 10.84
N GLU B 98 39.45 2.12 11.46
CA GLU B 98 38.53 1.07 11.00
C GLU B 98 37.10 1.30 11.52
N ARG B 103 29.45 5.18 17.34
CA ARG B 103 28.68 5.63 18.50
C ARG B 103 27.69 6.79 18.21
N TYR B 104 26.57 6.49 17.55
CA TYR B 104 25.56 7.50 17.20
C TYR B 104 24.54 7.74 18.33
N LYS B 105 23.85 8.87 18.24
CA LYS B 105 22.78 9.25 19.13
C LYS B 105 21.51 9.51 18.31
N LEU B 106 20.74 8.46 18.14
CA LEU B 106 19.44 8.51 17.46
C LEU B 106 18.32 8.79 18.47
N THR B 107 17.44 9.73 18.14
CA THR B 107 16.28 10.06 18.98
C THR B 107 15.00 10.13 18.13
N PHE B 108 13.89 9.65 18.66
CA PHE B 108 12.63 9.69 17.94
C PHE B 108 11.41 9.34 18.78
N THR B 109 10.29 9.87 18.35
CA THR B 109 9.03 9.75 19.04
C THR B 109 8.14 8.83 18.21
N MET B 110 7.38 7.98 18.84
CA MET B 110 6.58 7.02 18.10
C MET B 110 5.29 6.68 18.88
N GLY B 111 4.40 7.69 18.97
CA GLY B 111 3.14 7.60 19.69
C GLY B 111 3.10 6.72 20.95
N ASP B 112 3.02 7.34 22.13
CA ASP B 112 2.96 6.63 23.43
C ASP B 112 4.25 5.86 23.77
N GLN B 113 5.32 6.13 22.99
CA GLN B 113 6.64 5.48 23.09
C GLN B 113 7.74 6.42 22.56
N THR B 114 8.67 6.80 23.44
CA THR B 114 9.77 7.69 23.12
C THR B 114 11.08 6.90 23.14
N TYR B 115 12.06 7.34 22.35
CA TYR B 115 13.31 6.60 22.17
C TYR B 115 14.55 7.48 22.19
N ASN B 116 15.62 6.86 22.66
CA ASN B 116 16.93 7.48 22.78
C ASN B 116 17.88 6.33 22.61
N GLU B 117 18.41 6.22 21.41
CA GLU B 117 19.20 5.07 21.02
C GLU B 117 20.64 5.46 20.73
N MET B 118 21.46 4.41 20.74
CA MET B 118 22.91 4.51 20.71
C MET B 118 23.48 3.22 20.12
N GLY B 119 24.58 3.35 19.40
CA GLY B 119 25.21 2.19 18.79
C GLY B 119 26.56 2.50 18.18
N ASP B 120 27.26 1.46 17.77
CA ASP B 120 28.63 1.59 17.30
C ASP B 120 28.69 1.22 15.82
N VAL B 121 29.49 1.95 15.03
CA VAL B 121 29.74 1.54 13.62
C VAL B 121 31.21 1.62 13.17
N ASP B 122 31.66 0.49 12.62
CA ASP B 122 33.06 0.23 12.26
C ASP B 122 33.20 -0.57 10.94
N GLN B 123 32.18 -0.49 10.08
CA GLN B 123 32.20 -1.12 8.74
C GLN B 123 32.49 -0.03 7.72
N PHE B 124 33.26 0.99 8.10
CA PHE B 124 33.62 2.04 7.20
C PHE B 124 34.49 1.48 6.07
N PRO B 125 34.68 2.24 4.99
CA PRO B 125 35.53 1.82 3.89
C PRO B 125 36.98 2.24 4.12
N PRO B 126 37.94 1.40 3.79
CA PRO B 126 39.35 1.72 3.96
C PRO B 126 39.73 3.12 3.41
N PRO B 127 40.41 3.96 4.18
CA PRO B 127 40.75 5.31 3.71
C PRO B 127 41.70 5.38 2.50
N GLU B 128 42.35 4.28 2.14
CA GLU B 128 43.19 4.22 0.93
C GLU B 128 42.32 4.28 -0.33
N THR B 129 40.99 4.20 -0.14
CA THR B 129 40.06 4.09 -1.26
C THR B 129 39.04 5.24 -1.37
N TRP B 130 38.87 6.02 -0.31
CA TRP B 130 37.90 7.15 -0.30
C TRP B 130 37.95 8.03 -1.56
N GLY B 131 39.13 8.13 -2.16
CA GLY B 131 39.30 8.78 -3.45
C GLY B 131 39.26 7.75 -4.57
N SER B 132 38.11 7.13 -4.75
CA SER B 132 37.93 6.09 -5.74
C SER B 132 36.42 5.82 -5.91
N LEU B 133 35.80 5.37 -4.81
CA LEU B 133 34.37 5.09 -4.70
C LEU B 133 33.45 5.79 -5.74
N ILE C 6 -14.80 6.54 -4.81
CA ILE C 6 -15.41 6.95 -3.47
C ILE C 6 -16.95 6.80 -3.47
N LEU C 7 -17.57 7.12 -4.62
CA LEU C 7 -19.03 7.14 -4.75
C LEU C 7 -19.49 5.83 -5.36
N PRO C 8 -20.55 5.25 -4.79
CA PRO C 8 -21.14 4.01 -5.28
C PRO C 8 -21.71 4.14 -6.67
N VAL C 9 -21.73 3.02 -7.37
CA VAL C 9 -22.20 2.92 -8.74
C VAL C 9 -23.47 2.09 -8.78
N THR C 10 -24.53 2.60 -9.39
CA THR C 10 -25.75 1.80 -9.55
C THR C 10 -25.66 0.92 -10.79
N VAL C 11 -25.75 -0.37 -10.54
CA VAL C 11 -25.55 -1.38 -11.52
C VAL C 11 -26.89 -1.71 -12.07
N TYR C 12 -27.84 -2.03 -11.19
CA TYR C 12 -29.16 -2.50 -11.58
C TYR C 12 -30.22 -1.69 -10.83
N ASP C 13 -31.28 -1.28 -11.51
CA ASP C 13 -32.34 -0.49 -10.86
C ASP C 13 -33.71 -0.62 -11.50
N GLN C 14 -34.39 -1.76 -11.31
CA GLN C 14 -35.72 -1.97 -11.85
C GLN C 14 -36.59 -2.70 -10.86
N HIS C 15 -37.90 -2.45 -10.92
CA HIS C 15 -38.90 -3.14 -10.07
C HIS C 15 -38.72 -2.95 -8.56
N GLY C 16 -38.07 -1.87 -8.17
CA GLY C 16 -37.73 -1.62 -6.79
C GLY C 16 -36.61 -2.48 -6.27
N PHE C 17 -35.80 -3.04 -7.19
CA PHE C 17 -34.68 -3.92 -6.84
C PHE C 17 -33.45 -3.22 -7.30
N ARG C 18 -32.64 -2.76 -6.36
CA ARG C 18 -31.52 -1.90 -6.70
C ARG C 18 -30.22 -2.54 -6.23
N ILE C 19 -29.28 -2.80 -7.15
CA ILE C 19 -27.94 -3.29 -6.85
C ILE C 19 -26.91 -2.19 -7.07
N LEU C 20 -25.96 -2.05 -6.14
CA LEU C 20 -24.92 -1.04 -6.27
C LEU C 20 -23.56 -1.62 -5.93
N PHE C 21 -22.51 -1.06 -6.52
CA PHE C 21 -21.14 -1.39 -6.18
C PHE C 21 -20.52 -0.39 -5.25
N HIS C 22 -20.01 -0.85 -4.12
CA HIS C 22 -19.17 -0.07 -3.24
C HIS C 22 -17.69 -0.47 -3.43
N PHE C 23 -16.81 0.50 -3.58
CA PHE C 23 -15.40 0.22 -3.86
C PHE C 23 -14.49 0.51 -2.73
N ALA C 24 -13.41 -0.25 -2.67
CA ALA C 24 -12.40 -0.13 -1.62
C ALA C 24 -11.10 -0.66 -2.19
N ARG C 25 -9.97 -0.22 -1.62
CA ARG C 25 -8.65 -0.57 -2.17
C ARG C 25 -8.28 -2.01 -1.92
N ASP C 26 -7.34 -2.58 -2.67
CA ASP C 26 -7.00 -3.98 -2.37
C ASP C 26 -6.42 -4.21 -1.00
N PRO C 27 -6.72 -5.40 -0.49
CA PRO C 27 -6.32 -5.83 0.84
C PRO C 27 -4.84 -5.69 1.18
N LEU C 28 -4.00 -5.82 0.18
CA LEU C 28 -2.56 -5.78 0.34
C LEU C 28 -1.97 -4.38 0.20
N PRO C 29 -1.29 -3.95 1.26
CA PRO C 29 -0.79 -2.59 1.35
C PRO C 29 0.35 -2.39 0.41
N GLY C 30 0.46 -1.21 -0.17
CA GLY C 30 1.42 -0.98 -1.23
C GLY C 30 1.17 -1.65 -2.56
N ARG C 31 -0.08 -2.05 -2.83
CA ARG C 31 -0.40 -2.69 -4.13
C ARG C 31 -1.71 -2.13 -4.70
N SER C 32 -1.83 -2.13 -6.02
CA SER C 32 -2.99 -1.61 -6.68
C SER C 32 -3.35 -2.45 -7.88
N ASP C 33 -3.49 -3.73 -7.63
CA ASP C 33 -3.85 -4.69 -8.66
C ASP C 33 -5.21 -5.31 -8.39
N VAL C 34 -5.72 -5.20 -7.17
CA VAL C 34 -7.03 -5.77 -6.85
C VAL C 34 -7.97 -4.68 -6.41
N LEU C 35 -9.22 -4.78 -6.78
CA LEU C 35 -10.28 -3.88 -6.33
C LEU C 35 -11.32 -4.64 -5.52
N VAL C 36 -11.54 -4.16 -4.30
CA VAL C 36 -12.57 -4.67 -3.43
C VAL C 36 -13.91 -4.02 -3.76
N VAL C 37 -14.86 -4.86 -4.08
CA VAL C 37 -16.19 -4.37 -4.42
C VAL C 37 -17.19 -5.03 -3.45
N VAL C 38 -18.01 -4.27 -2.77
CA VAL C 38 -19.06 -4.85 -1.96
C VAL C 38 -20.34 -4.55 -2.70
N VAL C 39 -21.03 -5.58 -3.15
CA VAL C 39 -22.28 -5.32 -3.80
C VAL C 39 -23.38 -5.42 -2.78
N SER C 40 -24.25 -4.43 -2.79
CA SER C 40 -25.37 -4.37 -1.88
C SER C 40 -26.61 -4.40 -2.73
N MET C 41 -27.69 -4.92 -2.17
CA MET C 41 -28.90 -5.24 -2.93
C MET C 41 -30.11 -5.00 -2.03
N LEU C 42 -30.96 -4.04 -2.42
CA LEU C 42 -32.12 -3.63 -1.63
C LEU C 42 -33.38 -3.61 -2.46
N SER C 43 -34.51 -3.96 -1.83
CA SER C 43 -35.84 -4.05 -2.49
C SER C 43 -36.87 -3.06 -1.89
N THR C 44 -37.33 -2.15 -2.73
CA THR C 44 -38.50 -1.32 -2.45
C THR C 44 -39.75 -1.88 -3.20
N ALA C 45 -39.89 -3.20 -3.20
CA ALA C 45 -40.95 -3.82 -3.99
C ALA C 45 -41.96 -4.45 -3.06
N PRO C 46 -43.24 -4.26 -3.32
CA PRO C 46 -44.30 -4.81 -2.49
C PRO C 46 -44.30 -6.32 -2.38
N GLN C 47 -43.62 -7.02 -3.30
CA GLN C 47 -43.54 -8.48 -3.24
C GLN C 47 -42.16 -8.94 -2.83
N PRO C 48 -42.08 -10.08 -2.16
CA PRO C 48 -40.77 -10.67 -1.85
C PRO C 48 -39.98 -11.03 -3.14
N ILE C 49 -38.66 -10.97 -3.01
CA ILE C 49 -37.74 -11.27 -4.12
C ILE C 49 -36.86 -12.41 -3.66
N ARG C 50 -36.93 -13.55 -4.35
CA ARG C 50 -36.17 -14.74 -3.93
C ARG C 50 -35.25 -15.25 -5.03
N ASN C 51 -34.46 -16.28 -4.72
CA ASN C 51 -33.65 -17.00 -5.72
C ASN C 51 -32.63 -16.07 -6.39
N ILE C 52 -32.15 -15.10 -5.61
CA ILE C 52 -31.25 -14.07 -6.10
C ILE C 52 -29.87 -14.65 -6.35
N VAL C 53 -29.37 -14.51 -7.58
CA VAL C 53 -27.96 -14.81 -7.89
C VAL C 53 -27.35 -13.73 -8.76
N PHE C 54 -26.41 -13.02 -8.18
CA PHE C 54 -25.58 -12.11 -8.94
C PHE C 54 -24.36 -12.85 -9.40
N GLN C 55 -24.03 -12.70 -10.65
CA GLN C 55 -22.85 -13.28 -11.24
C GLN C 55 -22.08 -12.15 -12.01
N SER C 56 -20.85 -12.43 -12.45
CA SER C 56 -20.08 -11.42 -13.19
C SER C 56 -19.00 -12.02 -14.04
N ALA C 57 -18.56 -11.22 -14.99
CA ALA C 57 -17.59 -11.67 -15.96
C ALA C 57 -16.72 -10.48 -16.40
N VAL C 58 -15.44 -10.75 -16.57
CA VAL C 58 -14.48 -9.73 -17.05
C VAL C 58 -13.59 -10.31 -18.13
N PRO C 59 -12.95 -9.46 -18.93
CA PRO C 59 -11.98 -9.94 -19.96
C PRO C 59 -10.86 -10.84 -19.46
N LYS C 60 -10.35 -11.65 -20.36
CA LYS C 60 -9.49 -12.77 -19.98
C LYS C 60 -8.23 -12.27 -19.29
N VAL C 61 -7.68 -11.12 -19.70
CA VAL C 61 -6.55 -10.44 -18.98
C VAL C 61 -6.72 -10.22 -17.47
N MET C 62 -7.96 -9.92 -17.07
CA MET C 62 -8.35 -9.86 -15.66
C MET C 62 -9.03 -11.13 -15.17
N LYS C 63 -9.24 -11.15 -13.85
CA LYS C 63 -9.93 -12.20 -13.14
C LYS C 63 -10.99 -11.55 -12.21
N VAL C 64 -12.21 -12.09 -12.20
CA VAL C 64 -13.20 -11.71 -11.16
C VAL C 64 -13.57 -12.91 -10.27
N LYS C 65 -13.82 -12.61 -9.00
CA LYS C 65 -14.16 -13.62 -8.01
C LYS C 65 -15.20 -13.10 -7.02
N LEU C 66 -16.27 -13.85 -6.89
CA LEU C 66 -17.40 -13.48 -6.03
C LEU C 66 -17.41 -14.37 -4.78
N GLN C 67 -17.57 -13.79 -3.60
CA GLN C 67 -17.78 -14.56 -2.40
C GLN C 67 -19.28 -14.85 -2.22
N PRO C 68 -19.62 -15.94 -1.53
CA PRO C 68 -21.03 -16.20 -1.19
C PRO C 68 -21.64 -15.00 -0.51
N PRO C 69 -22.87 -14.65 -0.85
CA PRO C 69 -23.52 -13.45 -0.31
C PRO C 69 -24.12 -13.65 1.05
N SER C 70 -24.52 -12.54 1.66
CA SER C 70 -25.20 -12.51 2.97
C SER C 70 -26.60 -13.16 3.01
N GLY C 71 -27.18 -13.45 1.87
CA GLY C 71 -28.50 -14.00 1.81
C GLY C 71 -28.88 -14.12 0.37
N THR C 72 -30.09 -14.65 0.11
CA THR C 72 -30.57 -15.02 -1.21
C THR C 72 -31.97 -14.55 -1.51
N GLU C 73 -32.60 -13.90 -0.55
CA GLU C 73 -33.92 -13.36 -0.76
C GLU C 73 -34.11 -12.12 0.06
N LEU C 74 -34.95 -11.25 -0.43
CA LEU C 74 -35.34 -10.06 0.28
C LEU C 74 -36.83 -10.17 0.54
N PRO C 75 -37.28 -9.65 1.68
CA PRO C 75 -38.71 -9.53 1.95
C PRO C 75 -39.35 -8.38 1.18
N ALA C 76 -40.65 -8.21 1.41
CA ALA C 76 -41.43 -7.20 0.73
C ALA C 76 -41.26 -5.90 1.48
N PHE C 77 -41.01 -4.83 0.73
CA PHE C 77 -40.87 -3.50 1.31
C PHE C 77 -41.89 -3.20 2.45
N ASN C 78 -41.35 -2.59 3.51
CA ASN C 78 -42.07 -2.18 4.72
C ASN C 78 -41.49 -0.90 5.32
N PRO C 79 -42.27 0.17 5.32
CA PRO C 79 -41.81 1.51 5.73
C PRO C 79 -40.99 1.62 7.04
N ILE C 80 -41.49 1.07 8.14
CA ILE C 80 -40.81 1.18 9.44
C ILE C 80 -39.68 0.16 9.58
N VAL C 81 -40.05 -1.10 9.78
CA VAL C 81 -39.14 -2.21 10.07
C VAL C 81 -37.82 -2.08 9.30
N HIS C 82 -36.71 -2.09 10.03
CA HIS C 82 -35.37 -1.88 9.45
C HIS C 82 -35.24 -2.78 8.20
N PRO C 83 -34.80 -2.21 7.08
CA PRO C 83 -34.82 -2.95 5.81
C PRO C 83 -33.69 -3.98 5.71
N SER C 84 -34.09 -5.20 5.35
CA SER C 84 -33.17 -6.26 5.03
C SER C 84 -32.28 -5.85 3.83
N ALA C 85 -31.03 -6.31 3.85
CA ALA C 85 -30.08 -5.98 2.80
C ALA C 85 -29.17 -7.16 2.53
N ILE C 86 -29.01 -7.48 1.26
CA ILE C 86 -27.97 -8.45 0.95
C ILE C 86 -26.67 -7.74 0.56
N THR C 87 -25.58 -8.18 1.20
CA THR C 87 -24.26 -7.77 0.82
C THR C 87 -23.45 -8.94 0.25
N GLN C 88 -22.54 -8.66 -0.69
CA GLN C 88 -21.71 -9.69 -1.31
C GLN C 88 -20.33 -9.11 -1.76
N VAL C 89 -19.25 -9.82 -1.46
CA VAL C 89 -17.93 -9.33 -1.82
C VAL C 89 -17.48 -9.85 -3.18
N LEU C 90 -16.93 -8.93 -3.98
CA LEU C 90 -16.46 -9.18 -5.34
C LEU C 90 -15.04 -8.63 -5.48
N LEU C 91 -14.11 -9.47 -5.91
CA LEU C 91 -12.71 -9.05 -6.05
C LEU C 91 -12.35 -9.10 -7.49
N LEU C 92 -11.57 -8.11 -7.91
CA LEU C 92 -11.25 -7.89 -9.32
C LEU C 92 -9.75 -7.73 -9.48
N ALA C 93 -9.11 -8.68 -10.13
CA ALA C 93 -7.66 -8.67 -10.27
C ALA C 93 -7.31 -8.12 -11.64
N ASN C 94 -6.65 -6.96 -11.69
CA ASN C 94 -6.25 -6.37 -12.98
C ASN C 94 -4.78 -5.97 -12.99
N PRO C 95 -3.86 -6.93 -12.97
CA PRO C 95 -2.41 -6.60 -12.92
C PRO C 95 -1.90 -5.79 -14.11
N GLN C 96 -2.50 -5.93 -15.30
CA GLN C 96 -2.15 -5.13 -16.48
C GLN C 96 -2.71 -3.72 -16.40
N LYS C 97 -3.50 -3.44 -15.37
CA LYS C 97 -4.15 -2.14 -15.26
C LYS C 97 -4.89 -1.77 -16.55
N GLU C 98 -5.48 -2.76 -17.22
CA GLU C 98 -6.34 -2.45 -18.38
C GLU C 98 -7.67 -1.77 -17.97
N LYS C 99 -8.26 -1.04 -18.91
CA LYS C 99 -9.57 -0.44 -18.71
C LYS C 99 -10.55 -1.57 -18.40
N VAL C 100 -11.40 -1.32 -17.41
CA VAL C 100 -12.22 -2.35 -16.80
C VAL C 100 -13.58 -2.31 -17.38
N ARG C 101 -13.98 -3.40 -18.01
CA ARG C 101 -15.35 -3.57 -18.43
C ARG C 101 -15.93 -4.82 -17.73
N LEU C 102 -16.96 -4.67 -16.89
CA LEU C 102 -17.61 -5.83 -16.28
C LEU C 102 -18.94 -6.18 -16.94
N ARG C 103 -19.22 -7.48 -16.97
CA ARG C 103 -20.51 -8.03 -17.42
C ARG C 103 -21.19 -8.78 -16.27
N TYR C 104 -22.43 -8.41 -15.95
CA TYR C 104 -23.15 -9.07 -14.86
C TYR C 104 -24.35 -9.89 -15.35
N LYS C 105 -24.76 -10.82 -14.50
CA LYS C 105 -25.90 -11.68 -14.71
C LYS C 105 -26.60 -11.73 -13.37
N LEU C 106 -27.90 -11.47 -13.41
CA LEU C 106 -28.72 -11.30 -12.21
C LEU C 106 -30.05 -12.07 -12.44
N THR C 107 -30.21 -13.12 -11.65
CA THR C 107 -31.37 -13.95 -11.68
C THR C 107 -32.18 -13.72 -10.44
N PHE C 108 -33.51 -13.66 -10.58
CA PHE C 108 -34.40 -13.61 -9.40
C PHE C 108 -35.87 -13.90 -9.66
N THR C 109 -36.64 -14.16 -8.60
CA THR C 109 -38.07 -14.37 -8.73
C THR C 109 -38.84 -13.32 -7.92
N MET C 110 -39.86 -12.77 -8.58
CA MET C 110 -40.81 -11.80 -8.04
C MET C 110 -42.23 -12.26 -8.38
N GLY C 111 -42.78 -13.15 -7.55
CA GLY C 111 -44.05 -13.86 -7.81
C GLY C 111 -44.63 -13.91 -9.21
N ASP C 112 -44.58 -15.06 -9.88
CA ASP C 112 -45.22 -15.18 -11.22
C ASP C 112 -44.47 -14.40 -12.33
N GLN C 113 -43.30 -13.88 -11.98
CA GLN C 113 -42.41 -13.23 -12.92
C GLN C 113 -40.97 -13.66 -12.59
N THR C 114 -40.25 -14.19 -13.58
CA THR C 114 -38.89 -14.69 -13.41
C THR C 114 -37.96 -13.81 -14.25
N TYR C 115 -36.72 -13.65 -13.78
CA TYR C 115 -35.79 -12.68 -14.34
C TYR C 115 -34.38 -13.25 -14.47
N ASN C 116 -33.78 -12.93 -15.60
CA ASN C 116 -32.41 -13.30 -15.94
C ASN C 116 -31.95 -12.10 -16.69
N GLU C 117 -31.44 -11.13 -15.98
CA GLU C 117 -31.05 -9.90 -16.60
C GLU C 117 -29.58 -9.95 -16.93
N MET C 118 -29.15 -9.03 -17.76
CA MET C 118 -27.76 -8.95 -18.17
C MET C 118 -27.46 -7.52 -18.38
N GLY C 119 -26.30 -7.09 -17.91
CA GLY C 119 -25.87 -5.73 -18.12
C GLY C 119 -24.38 -5.50 -18.04
N ASP C 120 -24.02 -4.24 -18.26
CA ASP C 120 -22.62 -3.81 -18.28
C ASP C 120 -22.32 -2.85 -17.17
N VAL C 121 -21.05 -2.79 -16.76
CA VAL C 121 -20.53 -1.79 -15.83
C VAL C 121 -19.19 -1.29 -16.36
N ASP C 122 -19.05 0.04 -16.48
CA ASP C 122 -17.77 0.69 -16.83
C ASP C 122 -17.27 1.64 -15.78
N GLN C 123 -18.16 2.13 -14.91
CA GLN C 123 -17.80 3.15 -13.93
C GLN C 123 -16.96 2.61 -12.77
N PHE C 124 -15.74 2.19 -13.07
CA PHE C 124 -14.81 1.78 -12.04
C PHE C 124 -13.75 2.83 -11.92
N PRO C 125 -13.12 2.89 -10.76
CA PRO C 125 -11.85 3.61 -10.61
C PRO C 125 -10.76 3.15 -11.62
N PRO C 126 -9.96 4.09 -12.14
CA PRO C 126 -8.87 3.89 -13.12
C PRO C 126 -8.12 2.60 -13.63
N PRO C 127 -7.42 1.68 -12.99
CA PRO C 127 -7.11 1.43 -11.59
C PRO C 127 -5.67 1.66 -11.08
N GLU C 128 -4.91 2.49 -11.78
CA GLU C 128 -3.67 3.07 -11.26
C GLU C 128 -3.96 3.76 -9.93
N THR C 129 -5.23 3.77 -9.58
CA THR C 129 -5.71 4.52 -8.47
C THR C 129 -6.09 3.61 -7.32
N TRP C 130 -6.08 2.30 -7.51
CA TRP C 130 -6.80 1.52 -6.53
C TRP C 130 -6.04 0.83 -5.40
N GLY C 131 -4.80 1.26 -5.19
CA GLY C 131 -4.13 1.12 -3.93
C GLY C 131 -4.17 2.43 -3.15
N SER C 132 -4.87 3.42 -3.70
CA SER C 132 -4.89 4.78 -3.23
C SER C 132 -6.30 5.22 -2.81
N LEU C 133 -7.31 4.39 -3.10
CA LEU C 133 -8.68 4.67 -2.69
C LEU C 133 -8.87 4.99 -1.20
N ASN D 5 -20.71 -21.67 0.14
CA ASN D 5 -20.50 -22.40 1.43
C ASN D 5 -20.30 -21.49 2.71
N ILE D 6 -19.09 -20.91 2.85
CA ILE D 6 -18.77 -20.04 3.98
C ILE D 6 -19.59 -18.71 3.88
N LEU D 7 -20.47 -18.49 4.83
CA LEU D 7 -21.36 -17.34 4.81
C LEU D 7 -20.69 -16.16 5.51
N PRO D 8 -21.12 -14.94 5.21
CA PRO D 8 -20.71 -13.77 5.97
C PRO D 8 -21.24 -13.82 7.39
N VAL D 9 -20.47 -13.30 8.34
CA VAL D 9 -20.81 -13.30 9.75
C VAL D 9 -21.21 -11.88 10.22
N THR D 10 -22.30 -11.82 10.98
CA THR D 10 -22.83 -10.59 11.56
C THR D 10 -22.15 -10.39 12.89
N VAL D 11 -21.18 -9.52 12.87
CA VAL D 11 -20.40 -9.20 14.04
C VAL D 11 -21.20 -8.30 14.97
N TYR D 12 -21.87 -7.29 14.40
CA TYR D 12 -22.60 -6.27 15.13
C TYR D 12 -23.88 -5.92 14.41
N ASP D 13 -24.96 -5.77 15.15
CA ASP D 13 -26.26 -5.51 14.53
C ASP D 13 -27.20 -4.86 15.54
N GLN D 14 -26.95 -3.59 15.81
CA GLN D 14 -27.71 -2.81 16.78
C GLN D 14 -27.96 -1.41 16.26
N HIS D 15 -29.15 -0.87 16.55
CA HIS D 15 -29.53 0.52 16.24
C HIS D 15 -29.59 0.80 14.70
N GLY D 16 -29.87 -0.24 13.92
CA GLY D 16 -29.71 -0.18 12.47
C GLY D 16 -28.29 -0.40 11.96
N PHE D 17 -27.26 -0.13 12.76
CA PHE D 17 -25.87 -0.32 12.36
C PHE D 17 -25.51 -1.80 12.20
N ARG D 18 -25.03 -2.19 11.02
CA ARG D 18 -24.64 -3.57 10.76
C ARG D 18 -23.19 -3.65 10.34
N ILE D 19 -22.41 -4.46 11.02
CA ILE D 19 -21.03 -4.73 10.60
C ILE D 19 -20.89 -6.22 10.36
N LEU D 20 -20.57 -6.61 9.13
CA LEU D 20 -20.38 -8.01 8.78
C LEU D 20 -18.95 -8.30 8.42
N PHE D 21 -18.54 -9.55 8.57
CA PHE D 21 -17.22 -9.97 8.11
C PHE D 21 -17.41 -10.83 6.89
N HIS D 22 -16.71 -10.48 5.81
CA HIS D 22 -16.80 -11.24 4.58
C HIS D 22 -15.44 -11.80 4.37
N PHE D 23 -15.34 -13.13 4.36
CA PHE D 23 -14.05 -13.82 4.20
C PHE D 23 -13.69 -14.08 2.74
N ALA D 24 -12.48 -13.67 2.39
CA ALA D 24 -11.99 -13.83 1.06
C ALA D 24 -10.55 -14.29 1.07
N ARG D 25 -10.10 -14.63 -0.12
CA ARG D 25 -8.72 -15.00 -0.32
C ARG D 25 -8.24 -14.04 -1.38
N ASP D 26 -6.95 -13.72 -1.31
CA ASP D 26 -6.35 -12.83 -2.27
C ASP D 26 -6.38 -13.53 -3.66
N PRO D 27 -7.06 -12.94 -4.64
CA PRO D 27 -7.33 -13.61 -5.92
C PRO D 27 -6.11 -13.88 -6.81
N LEU D 28 -4.96 -13.37 -6.38
CA LEU D 28 -3.71 -13.53 -7.09
C LEU D 28 -2.83 -14.40 -6.23
N PRO D 29 -1.86 -15.07 -6.84
CA PRO D 29 -0.99 -15.98 -6.09
C PRO D 29 -0.55 -15.35 -4.78
N GLY D 30 -0.65 -16.11 -3.69
CA GLY D 30 -0.19 -15.66 -2.39
C GLY D 30 -0.31 -16.74 -1.34
N ARG D 31 0.09 -16.40 -0.12
CA ARG D 31 0.17 -17.36 0.97
C ARG D 31 -1.18 -17.86 1.40
N SER D 32 -1.25 -19.17 1.59
CA SER D 32 -2.47 -19.84 2.04
C SER D 32 -2.75 -19.68 3.53
N ASP D 33 -1.85 -19.02 4.24
CA ASP D 33 -1.98 -18.84 5.70
C ASP D 33 -2.39 -17.42 6.08
N VAL D 34 -2.79 -16.66 5.06
CA VAL D 34 -3.25 -15.31 5.24
C VAL D 34 -4.69 -15.20 4.80
N LEU D 35 -5.54 -14.75 5.71
CA LEU D 35 -6.96 -14.60 5.42
C LEU D 35 -7.34 -13.13 5.32
N VAL D 36 -8.05 -12.79 4.24
CA VAL D 36 -8.48 -11.44 3.98
C VAL D 36 -9.92 -11.28 4.47
N VAL D 37 -10.09 -10.35 5.40
CA VAL D 37 -11.35 -10.12 6.05
C VAL D 37 -11.90 -8.77 5.63
N VAL D 38 -12.98 -8.77 4.88
CA VAL D 38 -13.61 -7.53 4.45
C VAL D 38 -14.71 -7.23 5.43
N VAL D 39 -14.54 -6.15 6.17
CA VAL D 39 -15.52 -5.77 7.14
C VAL D 39 -16.31 -4.65 6.53
N SER D 40 -17.60 -4.88 6.26
CA SER D 40 -18.47 -3.85 5.67
C SER D 40 -19.47 -3.38 6.68
N MET D 41 -19.79 -2.09 6.59
CA MET D 41 -20.69 -1.46 7.55
C MET D 41 -21.72 -0.63 6.81
N LEU D 42 -22.99 -0.90 7.13
CA LEU D 42 -24.13 -0.20 6.55
C LEU D 42 -25.19 0.15 7.59
N SER D 43 -25.50 1.44 7.69
CA SER D 43 -26.50 1.89 8.66
C SER D 43 -27.87 2.14 8.07
N THR D 44 -28.84 2.14 8.96
CA THR D 44 -30.24 2.30 8.63
C THR D 44 -30.86 3.32 9.59
N ALA D 45 -30.00 3.90 10.43
CA ALA D 45 -30.46 4.67 11.57
C ALA D 45 -31.06 5.93 11.06
N PRO D 46 -32.28 6.26 11.50
CA PRO D 46 -32.91 7.51 11.06
C PRO D 46 -32.09 8.76 11.41
N GLN D 47 -31.00 8.59 12.14
CA GLN D 47 -30.01 9.66 12.35
C GLN D 47 -28.65 9.20 11.79
N PRO D 48 -27.79 10.14 11.42
CA PRO D 48 -26.43 9.80 11.01
C PRO D 48 -25.60 9.16 12.11
N ILE D 49 -24.50 8.54 11.72
CA ILE D 49 -23.52 7.93 12.62
C ILE D 49 -22.14 8.46 12.31
N ARG D 50 -21.34 8.84 13.31
CA ARG D 50 -20.02 9.39 13.00
C ARG D 50 -18.93 9.08 14.01
N ASN D 51 -17.69 9.45 13.67
CA ASN D 51 -16.50 9.11 14.47
C ASN D 51 -16.25 7.60 14.67
N ILE D 52 -16.55 6.82 13.64
CA ILE D 52 -16.56 5.35 13.74
C ILE D 52 -15.15 4.75 13.89
N VAL D 53 -14.93 3.83 14.81
CA VAL D 53 -13.59 3.25 14.94
C VAL D 53 -13.67 1.76 15.18
N PHE D 54 -13.13 1.00 14.25
CA PHE D 54 -13.03 -0.43 14.41
C PHE D 54 -11.65 -0.82 14.85
N GLN D 55 -11.56 -1.39 16.04
CA GLN D 55 -10.32 -1.93 16.53
C GLN D 55 -10.45 -3.45 16.66
N SER D 56 -9.34 -4.15 16.47
CA SER D 56 -9.34 -5.60 16.51
C SER D 56 -8.12 -6.17 17.20
N ALA D 57 -8.34 -7.07 18.15
CA ALA D 57 -7.26 -7.82 18.76
C ALA D 57 -7.46 -9.34 18.56
N VAL D 58 -6.35 -10.06 18.27
CA VAL D 58 -6.37 -11.54 18.18
C VAL D 58 -5.40 -12.17 19.20
N PRO D 59 -5.51 -13.49 19.43
CA PRO D 59 -4.56 -14.24 20.27
C PRO D 59 -3.15 -14.09 19.74
N LYS D 60 -2.18 -14.38 20.60
CA LYS D 60 -0.82 -13.91 20.33
C LYS D 60 -0.10 -14.67 19.21
N VAL D 61 -0.45 -15.95 19.02
CA VAL D 61 0.12 -16.79 17.96
C VAL D 61 -0.35 -16.45 16.55
N MET D 62 -1.35 -15.56 16.45
CA MET D 62 -1.77 -14.95 15.18
C MET D 62 -1.38 -13.49 15.18
N LYS D 63 -1.26 -12.91 14.00
CA LYS D 63 -1.04 -11.48 13.82
C LYS D 63 -2.21 -10.88 13.04
N VAL D 64 -2.49 -9.58 13.25
CA VAL D 64 -3.54 -8.89 12.50
C VAL D 64 -3.16 -7.47 12.01
N LYS D 65 -3.16 -7.29 10.69
CA LYS D 65 -2.92 -5.98 10.14
C LYS D 65 -4.26 -5.35 9.73
N LEU D 66 -4.64 -4.26 10.40
CA LEU D 66 -5.83 -3.48 10.05
C LEU D 66 -5.49 -2.39 9.04
N GLN D 67 -5.96 -2.53 7.81
CA GLN D 67 -5.88 -1.47 6.79
C GLN D 67 -6.86 -0.37 7.14
N PRO D 68 -6.72 0.81 6.51
CA PRO D 68 -7.55 1.95 6.86
C PRO D 68 -8.91 1.83 6.22
N PRO D 69 -9.95 2.25 6.92
CA PRO D 69 -11.33 2.19 6.41
C PRO D 69 -11.61 3.21 5.30
N SER D 70 -12.63 2.91 4.50
CA SER D 70 -13.03 3.73 3.39
C SER D 70 -13.69 5.03 3.86
N GLY D 71 -13.91 5.12 5.17
CA GLY D 71 -14.70 6.19 5.76
C GLY D 71 -14.67 6.16 7.27
N THR D 72 -15.21 7.23 7.85
CA THR D 72 -15.28 7.46 9.29
C THR D 72 -16.69 7.70 9.75
N GLU D 73 -17.57 8.02 8.80
CA GLU D 73 -18.97 8.18 9.14
C GLU D 73 -19.90 7.78 8.02
N LEU D 74 -21.06 7.28 8.40
CA LEU D 74 -22.16 7.06 7.48
C LEU D 74 -23.10 8.24 7.62
N PRO D 75 -23.89 8.52 6.58
CA PRO D 75 -24.92 9.56 6.65
C PRO D 75 -26.17 8.93 7.22
N ALA D 76 -27.21 9.73 7.35
CA ALA D 76 -28.48 9.23 7.86
C ALA D 76 -29.06 8.32 6.81
N PHE D 77 -29.99 7.44 7.18
CA PHE D 77 -30.63 6.62 6.17
C PHE D 77 -31.49 7.55 5.32
N ASN D 78 -31.80 7.12 4.09
CA ASN D 78 -32.70 7.86 3.20
C ASN D 78 -33.32 6.91 2.17
N PRO D 79 -34.64 6.83 2.14
CA PRO D 79 -35.32 5.91 1.19
C PRO D 79 -34.94 6.13 -0.28
N ILE D 80 -34.68 7.38 -0.64
CA ILE D 80 -34.55 7.81 -2.04
C ILE D 80 -33.11 7.73 -2.53
N VAL D 81 -32.19 8.33 -1.79
CA VAL D 81 -30.81 8.46 -2.28
C VAL D 81 -30.13 7.10 -2.24
N HIS D 82 -29.17 6.92 -3.14
CA HIS D 82 -28.30 5.74 -3.20
C HIS D 82 -27.42 5.62 -1.92
N PRO D 83 -27.77 4.71 -0.99
CA PRO D 83 -27.06 4.60 0.29
C PRO D 83 -25.59 4.35 0.11
N SER D 84 -24.83 4.69 1.14
CA SER D 84 -23.39 4.48 1.13
C SER D 84 -23.07 3.49 2.22
N ALA D 85 -21.81 3.08 2.26
CA ALA D 85 -21.35 2.09 3.21
C ALA D 85 -19.89 2.33 3.50
N ILE D 86 -19.43 1.82 4.63
CA ILE D 86 -18.01 1.86 4.93
C ILE D 86 -17.46 0.47 4.75
N THR D 87 -16.28 0.41 4.16
CA THR D 87 -15.61 -0.85 3.91
C THR D 87 -14.19 -0.76 4.50
N GLN D 88 -13.75 -1.78 5.21
CA GLN D 88 -12.39 -1.82 5.71
C GLN D 88 -11.79 -3.22 5.66
N VAL D 89 -10.58 -3.36 5.12
CA VAL D 89 -9.92 -4.68 5.12
C VAL D 89 -9.02 -4.96 6.32
N LEU D 90 -9.00 -6.23 6.76
CA LEU D 90 -8.16 -6.64 7.86
C LEU D 90 -7.52 -8.02 7.56
N LEU D 91 -6.20 -8.04 7.49
CA LEU D 91 -5.45 -9.26 7.23
C LEU D 91 -5.14 -10.00 8.53
N LEU D 92 -5.20 -11.31 8.44
CA LEU D 92 -5.04 -12.14 9.59
C LEU D 92 -4.12 -13.28 9.20
N ALA D 93 -3.08 -13.52 9.99
CA ALA D 93 -2.10 -14.57 9.75
C ALA D 93 -2.24 -15.62 10.82
N ASN D 94 -2.52 -16.83 10.41
CA ASN D 94 -2.58 -17.96 11.33
C ASN D 94 -1.56 -18.98 10.79
N PRO D 95 -0.26 -18.65 10.88
CA PRO D 95 0.77 -19.56 10.37
C PRO D 95 0.71 -20.86 11.16
N GLN D 96 0.35 -20.76 12.44
CA GLN D 96 0.07 -21.93 13.24
C GLN D 96 -1.11 -22.73 12.68
N LYS D 97 -2.18 -22.02 12.29
CA LYS D 97 -3.43 -22.61 11.78
C LYS D 97 -4.27 -23.20 12.92
N GLU D 98 -4.38 -22.44 14.02
CA GLU D 98 -5.20 -22.86 15.18
C GLU D 98 -6.64 -22.33 15.08
N LYS D 99 -7.31 -22.29 16.23
CA LYS D 99 -8.67 -21.78 16.35
C LYS D 99 -8.66 -20.25 16.33
N VAL D 100 -9.20 -19.67 15.26
CA VAL D 100 -9.25 -18.23 15.14
C VAL D 100 -10.43 -17.68 15.94
N ARG D 101 -10.09 -16.78 16.87
CA ARG D 101 -11.05 -15.86 17.47
C ARG D 101 -10.51 -14.41 17.41
N LEU D 102 -11.43 -13.46 17.36
CA LEU D 102 -11.11 -12.05 17.38
C LEU D 102 -11.90 -11.32 18.46
N ARG D 103 -11.29 -10.27 19.00
CA ARG D 103 -11.91 -9.34 19.92
C ARG D 103 -11.93 -7.97 19.28
N TYR D 104 -13.10 -7.38 19.11
CA TYR D 104 -13.17 -6.04 18.52
C TYR D 104 -13.66 -5.01 19.52
N LYS D 105 -13.34 -3.76 19.19
CA LYS D 105 -13.70 -2.58 19.95
C LYS D 105 -14.31 -1.63 18.93
N LEU D 106 -15.58 -1.32 19.12
CA LEU D 106 -16.36 -0.50 18.18
C LEU D 106 -16.74 0.79 18.87
N THR D 107 -16.49 1.92 18.21
CA THR D 107 -16.84 3.24 18.78
C THR D 107 -17.57 4.11 17.77
N PHE D 108 -18.77 4.59 18.12
CA PHE D 108 -19.48 5.50 17.26
C PHE D 108 -20.51 6.39 17.96
N THR D 109 -20.69 7.60 17.43
CA THR D 109 -21.64 8.58 17.93
C THR D 109 -22.92 8.65 17.07
N MET D 110 -24.08 8.56 17.70
CA MET D 110 -25.37 8.65 17.01
C MET D 110 -26.29 9.76 17.59
N GLY D 111 -26.01 11.01 17.20
CA GLY D 111 -26.66 12.19 17.75
C GLY D 111 -25.73 12.87 18.77
N ASP D 112 -26.11 12.74 20.04
CA ASP D 112 -25.30 13.23 21.17
C ASP D 112 -24.67 12.07 21.97
N GLN D 113 -25.42 10.96 22.07
CA GLN D 113 -24.96 9.72 22.70
C GLN D 113 -23.83 9.09 21.91
N THR D 114 -22.84 8.56 22.61
CA THR D 114 -21.71 7.83 22.01
C THR D 114 -21.70 6.39 22.52
N TYR D 115 -21.25 5.43 21.72
CA TYR D 115 -21.40 4.02 22.04
C TYR D 115 -20.08 3.29 22.03
N ASN D 116 -19.89 2.41 23.01
CA ASN D 116 -18.61 1.74 23.23
C ASN D 116 -18.80 0.25 23.41
N GLU D 117 -18.58 -0.49 22.32
CA GLU D 117 -19.03 -1.86 22.25
C GLU D 117 -17.87 -2.84 22.19
N MET D 118 -18.12 -4.07 22.60
CA MET D 118 -17.11 -5.12 22.60
C MET D 118 -17.76 -6.48 22.37
N GLY D 119 -17.06 -7.34 21.62
CA GLY D 119 -17.60 -8.63 21.25
C GLY D 119 -16.57 -9.62 20.73
N ASP D 120 -17.01 -10.86 20.67
CA ASP D 120 -16.11 -11.94 20.31
C ASP D 120 -16.61 -12.56 19.04
N VAL D 121 -15.78 -12.47 18.02
CA VAL D 121 -16.00 -13.13 16.75
C VAL D 121 -15.18 -14.37 16.86
N ASP D 122 -15.85 -15.52 16.84
CA ASP D 122 -15.20 -16.83 16.94
C ASP D 122 -15.59 -17.74 15.79
N GLN D 123 -16.36 -17.21 14.85
CA GLN D 123 -16.90 -17.99 13.76
C GLN D 123 -16.17 -17.60 12.46
N PHE D 124 -14.88 -17.94 12.42
CA PHE D 124 -14.06 -17.81 11.22
C PHE D 124 -14.02 -19.15 10.49
N PRO D 125 -13.59 -19.13 9.22
CA PRO D 125 -13.48 -20.38 8.47
C PRO D 125 -12.30 -21.19 9.00
N PRO D 126 -12.45 -22.50 9.07
CA PRO D 126 -11.39 -23.33 9.60
C PRO D 126 -10.18 -23.18 8.71
N PRO D 127 -8.97 -23.17 9.27
CA PRO D 127 -7.76 -22.83 8.51
C PRO D 127 -7.57 -23.62 7.23
N GLU D 128 -8.01 -24.88 7.25
CA GLU D 128 -7.79 -25.79 6.12
C GLU D 128 -8.47 -25.36 4.81
N THR D 129 -9.36 -24.37 4.90
CA THR D 129 -10.13 -23.90 3.76
C THR D 129 -9.63 -22.55 3.18
N TRP D 130 -8.73 -21.89 3.90
CA TRP D 130 -8.26 -20.55 3.53
C TRP D 130 -7.62 -20.48 2.17
N GLY D 131 -6.83 -21.49 1.82
CA GLY D 131 -6.17 -21.49 0.53
C GLY D 131 -7.08 -21.68 -0.65
N SER D 132 -8.36 -21.96 -0.42
CA SER D 132 -9.33 -22.19 -1.51
C SER D 132 -10.71 -21.44 -1.38
N LEU D 133 -10.83 -20.46 -0.47
CA LEU D 133 -12.08 -19.66 -0.26
C LEU D 133 -12.68 -19.06 -1.51
N GLY E 6 24.40 13.56 -27.64
CA GLY E 6 23.12 13.12 -27.00
C GLY E 6 23.33 12.97 -25.51
N TRP E 7 23.38 11.72 -25.05
CA TRP E 7 23.81 11.39 -23.68
C TRP E 7 24.99 10.43 -23.66
N ASN E 8 25.61 10.31 -22.49
CA ASN E 8 26.73 9.40 -22.26
C ASN E 8 26.20 7.97 -22.12
N SER E 9 27.12 7.04 -21.88
CA SER E 9 26.76 5.64 -21.63
C SER E 9 26.13 5.48 -20.25
N PHE E 10 25.55 4.31 -20.01
CA PHE E 10 24.90 4.02 -18.73
C PHE E 10 25.95 3.78 -17.68
N GLN E 11 25.58 3.91 -16.41
CA GLN E 11 26.53 3.83 -15.32
C GLN E 11 26.07 2.77 -14.30
N SER E 12 27.00 1.96 -13.83
CA SER E 12 26.72 0.85 -12.93
C SER E 12 27.24 1.20 -11.54
N SER E 13 27.22 0.21 -10.63
CA SER E 13 27.45 0.42 -9.19
C SER E 13 28.92 0.68 -8.81
N GLY F 6 -12.69 -11.83 -26.00
CA GLY F 6 -11.82 -12.42 -24.94
C GLY F 6 -12.37 -12.12 -23.58
N TRP F 7 -13.16 -13.05 -23.04
CA TRP F 7 -13.86 -12.90 -21.77
C TRP F 7 -13.66 -14.12 -20.84
N ASN F 8 -14.27 -14.08 -19.66
CA ASN F 8 -13.97 -15.04 -18.59
C ASN F 8 -15.03 -15.01 -17.49
N PHE F 10 -18.55 -16.65 -16.90
CA PHE F 10 -19.34 -15.98 -15.85
C PHE F 10 -19.20 -16.62 -14.47
N GLN F 11 -18.63 -15.86 -13.55
CA GLN F 11 -18.29 -16.31 -12.20
C GLN F 11 -19.45 -16.20 -11.19
N SER F 12 -19.50 -17.18 -10.26
CA SER F 12 -20.49 -17.22 -9.16
C SER F 12 -19.83 -17.59 -7.82
N SER F 13 -20.62 -17.64 -6.75
CA SER F 13 -20.13 -18.06 -5.42
C SER F 13 -19.46 -19.43 -5.53
#